data_2E85
#
_entry.id   2E85
#
_cell.length_a   87.425
_cell.length_b   54.984
_cell.length_c   67.964
_cell.angle_alpha   90.00
_cell.angle_beta   90.00
_cell.angle_gamma   90.00
#
_symmetry.space_group_name_H-M   'P 21 21 2'
#
loop_
_entity.id
_entity.type
_entity.pdbx_description
1 polymer 'Hydrogenase 3 maturation protease'
2 non-polymer 'CALCIUM ION'
3 water water
#
_entity_poly.entity_id   1
_entity_poly.type   'polypeptide(L)'
_entity_poly.pdbx_seq_one_letter_code
;ASAVTDVLLCVGNSMMGDDGAGPLLAEKCAAAPKGNWVVIDGGSAPENDIVAIRELRPTRLLIVDATDMGLNPGEIRIID
PDDIAEMFMMTTHNMPLNYLIDQLKEDIGEVIFLGIQPDIVGFYYPMTQPIKDAVETVYQRLEGWEGNGGFAQLAVEEE
;
_entity_poly.pdbx_strand_id   A,B
#
loop_
_chem_comp.id
_chem_comp.type
_chem_comp.name
_chem_comp.formula
CA non-polymer 'CALCIUM ION' 'Ca 2'
#
# COMPACT_ATOMS: atom_id res chain seq x y z
N ALA A 1 14.47 24.60 9.04
CA ALA A 1 14.01 23.48 8.16
C ALA A 1 15.09 22.42 7.99
N SER A 2 14.69 21.23 7.57
CA SER A 2 15.65 20.13 7.41
C SER A 2 16.55 20.33 6.22
N ALA A 3 16.06 21.06 5.22
CA ALA A 3 16.83 21.30 4.01
C ALA A 3 16.92 20.04 3.15
N VAL A 4 15.97 19.13 3.29
CA VAL A 4 16.01 17.83 2.57
C VAL A 4 15.52 17.94 1.13
N THR A 5 16.28 17.32 0.21
CA THR A 5 15.90 17.34 -1.20
C THR A 5 15.75 15.91 -1.74
N ASP A 6 16.76 15.09 -1.49
CA ASP A 6 16.88 13.78 -2.09
C ASP A 6 16.74 12.73 -1.00
N VAL A 7 15.98 11.68 -1.31
CA VAL A 7 15.78 10.58 -0.39
C VAL A 7 16.06 9.28 -1.16
N LEU A 8 16.76 8.35 -0.52
CA LEU A 8 17.07 7.06 -1.11
C LEU A 8 16.41 6.00 -0.24
N LEU A 9 15.43 5.27 -0.79
CA LEU A 9 14.82 4.17 -0.03
C LEU A 9 15.47 2.86 -0.46
N CYS A 10 16.13 2.19 0.48
CA CYS A 10 16.78 0.91 0.17
C CYS A 10 15.86 -0.23 0.60
N VAL A 11 15.51 -1.10 -0.36
CA VAL A 11 14.55 -2.17 -0.05
C VAL A 11 15.25 -3.55 -0.13
N GLY A 12 14.97 -4.42 0.84
CA GLY A 12 15.57 -5.76 0.78
C GLY A 12 15.68 -6.43 2.13
N ASN A 13 16.20 -7.64 2.12
CA ASN A 13 16.35 -8.44 3.34
C ASN A 13 17.75 -9.09 3.32
N SER A 14 18.61 -8.68 4.25
CA SER A 14 20.03 -9.14 4.28
C SER A 14 20.11 -10.65 4.54
N MET A 15 19.04 -11.19 5.12
CA MET A 15 18.96 -12.63 5.39
C MET A 15 18.40 -13.42 4.21
N MET A 16 18.29 -12.77 3.04
CA MET A 16 17.76 -13.46 1.88
C MET A 16 18.72 -13.37 0.66
N GLY A 17 20.02 -13.48 0.95
CA GLY A 17 21.01 -13.70 -0.10
C GLY A 17 21.10 -12.44 -0.94
N ASP A 18 21.02 -12.58 -2.26
CA ASP A 18 21.10 -11.40 -3.15
C ASP A 18 19.99 -10.39 -2.93
N ASP A 19 18.93 -10.79 -2.28
CA ASP A 19 17.91 -9.79 -1.84
C ASP A 19 18.47 -8.74 -0.89
N GLY A 20 19.68 -8.98 -0.37
CA GLY A 20 20.33 -8.02 0.56
C GLY A 20 20.94 -6.81 -0.14
N ALA A 21 20.74 -6.69 -1.46
CA ALA A 21 21.36 -5.60 -2.26
C ALA A 21 21.01 -4.22 -1.68
N GLY A 22 19.72 -3.99 -1.42
CA GLY A 22 19.28 -2.72 -0.81
C GLY A 22 19.96 -2.45 0.53
N PRO A 23 19.77 -3.33 1.54
CA PRO A 23 20.48 -3.15 2.82
C PRO A 23 21.97 -2.92 2.64
N LEU A 24 22.60 -3.59 1.68
CA LEU A 24 24.04 -3.41 1.52
C LEU A 24 24.33 -1.97 1.12
N LEU A 25 23.54 -1.45 0.19
CA LEU A 25 23.71 -0.05 -0.24
C LEU A 25 23.56 0.93 0.95
N ALA A 26 22.57 0.68 1.81
CA ALA A 26 22.37 1.49 3.04
C ALA A 26 23.60 1.42 3.90
N GLU A 27 24.16 0.23 4.05
CA GLU A 27 25.38 0.06 4.84
C GLU A 27 26.57 0.84 4.29
N LYS A 28 26.73 0.80 2.95
CA LYS A 28 27.80 1.56 2.32
C LYS A 28 27.62 3.05 2.57
N CYS A 29 26.39 3.54 2.38
CA CYS A 29 26.10 4.95 2.60
C CYS A 29 26.33 5.40 4.05
N ALA A 30 25.97 4.55 5.00
CA ALA A 30 26.14 4.90 6.41
C ALA A 30 27.62 5.04 6.75
N ALA A 31 28.43 4.17 6.15
CA ALA A 31 29.86 4.15 6.38
C ALA A 31 30.58 5.31 5.67
N ALA A 32 30.05 5.70 4.52
CA ALA A 32 30.70 6.71 3.68
C ALA A 32 29.64 7.39 2.82
N PRO A 33 28.99 8.41 3.36
CA PRO A 33 27.91 9.07 2.62
C PRO A 33 28.29 9.56 1.23
N LYS A 34 27.34 9.47 0.31
CA LYS A 34 27.53 9.99 -1.04
C LYS A 34 26.36 10.87 -1.39
N GLY A 35 26.63 12.04 -1.96
CA GLY A 35 25.52 12.90 -2.36
C GLY A 35 24.79 13.53 -1.18
N ASN A 36 23.62 14.07 -1.46
CA ASN A 36 22.79 14.70 -0.46
C ASN A 36 21.68 13.81 0.04
N TRP A 37 21.74 12.52 -0.29
CA TRP A 37 20.65 11.59 -0.01
C TRP A 37 20.45 11.36 1.48
N VAL A 38 19.21 11.49 1.94
CA VAL A 38 18.80 10.89 3.21
C VAL A 38 18.44 9.42 2.91
N VAL A 39 19.12 8.49 3.56
CA VAL A 39 19.00 7.06 3.19
C VAL A 39 18.15 6.31 4.19
N ILE A 40 17.06 5.73 3.72
CA ILE A 40 16.16 4.93 4.57
C ILE A 40 16.48 3.45 4.31
N ASP A 41 16.87 2.77 5.39
CA ASP A 41 17.12 1.35 5.44
C ASP A 41 15.77 0.64 5.58
N GLY A 42 15.04 0.54 4.47
CA GLY A 42 13.64 0.17 4.50
C GLY A 42 13.28 -1.29 4.76
N GLY A 43 14.27 -2.19 4.74
CA GLY A 43 13.94 -3.57 4.99
C GLY A 43 13.03 -4.22 3.94
N SER A 44 12.27 -5.20 4.40
CA SER A 44 11.51 -6.10 3.55
C SER A 44 10.35 -5.45 2.82
N ALA A 45 9.73 -4.45 3.44
CA ALA A 45 8.49 -3.87 2.90
C ALA A 45 8.58 -2.36 2.87
N PRO A 46 8.26 -1.75 1.72
CA PRO A 46 8.25 -0.28 1.65
C PRO A 46 7.01 0.37 2.30
N GLU A 47 5.94 -0.40 2.53
CA GLU A 47 4.68 0.16 3.06
C GLU A 47 4.86 1.00 4.30
N ASN A 48 5.67 0.51 5.21
CA ASN A 48 5.78 1.18 6.49
C ASN A 48 6.86 2.27 6.49
N ASP A 49 7.40 2.57 5.31
CA ASP A 49 8.43 3.62 5.16
C ASP A 49 7.84 4.88 4.55
N ILE A 50 6.62 4.75 4.06
CA ILE A 50 5.95 5.84 3.30
C ILE A 50 5.74 7.10 4.15
N VAL A 51 5.26 6.93 5.37
CA VAL A 51 4.93 8.11 6.20
C VAL A 51 6.19 8.98 6.41
N ALA A 52 7.33 8.34 6.67
CA ALA A 52 8.59 9.08 6.88
C ALA A 52 9.08 9.78 5.62
N ILE A 53 9.02 9.09 4.48
CA ILE A 53 9.40 9.68 3.19
C ILE A 53 8.54 10.93 2.92
N ARG A 54 7.24 10.84 3.17
CA ARG A 54 6.33 11.95 2.90
C ARG A 54 6.63 13.14 3.82
N GLU A 55 6.95 12.85 5.09
CA GLU A 55 7.31 13.86 6.06
C GLU A 55 8.64 14.55 5.75
N LEU A 56 9.57 13.80 5.16
CA LEU A 56 10.85 14.35 4.72
C LEU A 56 10.68 15.40 3.60
N ARG A 57 9.54 15.35 2.91
CA ARG A 57 9.21 16.32 1.83
C ARG A 57 10.31 16.46 0.74
N PRO A 58 10.81 15.34 0.23
CA PRO A 58 11.82 15.41 -0.80
C PRO A 58 11.27 15.92 -2.13
N THR A 59 12.18 16.34 -2.99
CA THR A 59 11.88 16.69 -4.38
C THR A 59 12.21 15.50 -5.33
N ARG A 60 13.01 14.54 -4.83
CA ARG A 60 13.42 13.40 -5.62
C ARG A 60 13.60 12.19 -4.72
N LEU A 61 13.04 11.06 -5.16
CA LEU A 61 13.12 9.79 -4.41
C LEU A 61 13.69 8.74 -5.35
N LEU A 62 14.77 8.09 -4.89
CA LEU A 62 15.38 6.97 -5.58
C LEU A 62 15.10 5.73 -4.76
N ILE A 63 14.53 4.73 -5.40
CA ILE A 63 14.25 3.45 -4.72
C ILE A 63 15.17 2.40 -5.30
N VAL A 64 15.89 1.67 -4.45
CA VAL A 64 16.80 0.64 -4.91
C VAL A 64 16.38 -0.71 -4.32
N ASP A 65 16.19 -1.71 -5.17
CA ASP A 65 15.64 -2.99 -4.73
C ASP A 65 16.14 -4.12 -5.66
N ALA A 66 16.56 -5.22 -5.07
CA ALA A 66 16.85 -6.44 -5.84
C ALA A 66 15.50 -6.92 -6.41
N THR A 67 15.42 -7.14 -7.72
CA THR A 67 14.15 -7.49 -8.36
C THR A 67 14.43 -8.41 -9.55
N ASP A 68 13.66 -9.48 -9.68
CA ASP A 68 13.90 -10.37 -10.82
C ASP A 68 13.31 -9.71 -12.08
N MET A 69 14.17 -9.48 -13.07
CA MET A 69 13.80 -8.78 -14.28
C MET A 69 14.08 -9.69 -15.47
N GLY A 70 14.49 -10.93 -15.19
CA GLY A 70 14.84 -11.94 -16.20
C GLY A 70 16.16 -11.67 -16.92
N LEU A 71 17.03 -10.93 -16.26
CA LEU A 71 18.33 -10.53 -16.80
C LEU A 71 19.45 -11.34 -16.17
N ASN A 72 20.68 -11.11 -16.63
CA ASN A 72 21.85 -11.71 -15.99
C ASN A 72 22.05 -11.13 -14.62
N PRO A 73 22.55 -11.96 -13.69
CA PRO A 73 22.78 -11.44 -12.34
C PRO A 73 23.65 -10.17 -12.31
N GLY A 74 23.23 -9.20 -11.50
CA GLY A 74 24.00 -7.96 -11.32
C GLY A 74 23.63 -6.85 -12.30
N GLU A 75 22.83 -7.19 -13.33
CA GLU A 75 22.34 -6.11 -14.24
C GLU A 75 21.48 -5.10 -13.48
N ILE A 76 21.63 -3.83 -13.82
CA ILE A 76 20.93 -2.71 -13.16
C ILE A 76 20.05 -2.05 -14.21
N ARG A 77 18.77 -1.82 -13.88
CA ARG A 77 17.87 -1.09 -14.81
C ARG A 77 16.94 -0.17 -14.04
N ILE A 78 16.51 0.90 -14.69
CA ILE A 78 15.43 1.71 -14.19
C ILE A 78 14.12 1.14 -14.77
N ILE A 79 13.16 0.92 -13.90
CA ILE A 79 11.88 0.38 -14.33
C ILE A 79 10.84 1.50 -14.38
N ASP A 80 10.33 1.77 -15.57
CA ASP A 80 9.32 2.83 -15.70
C ASP A 80 8.01 2.40 -15.01
N PRO A 81 7.32 3.37 -14.37
CA PRO A 81 6.04 3.08 -13.69
C PRO A 81 5.03 2.30 -14.51
N ASP A 82 4.96 2.57 -15.82
CA ASP A 82 4.09 1.80 -16.69
C ASP A 82 4.43 0.31 -16.64
N ASP A 83 5.71 0.02 -16.65
CA ASP A 83 6.17 -1.36 -16.66
C ASP A 83 5.97 -1.98 -15.29
N ILE A 84 6.16 -1.19 -14.23
CA ILE A 84 5.89 -1.70 -12.87
C ILE A 84 4.44 -2.19 -12.79
N ALA A 85 3.53 -1.41 -13.36
CA ALA A 85 2.09 -1.75 -13.37
C ALA A 85 1.79 -2.99 -14.20
N GLU A 86 2.33 -3.01 -15.44
CA GLU A 86 2.10 -4.10 -16.39
C GLU A 86 2.66 -5.44 -15.93
N MET A 87 3.81 -5.39 -15.25
CA MET A 87 4.50 -6.57 -14.71
C MET A 87 3.80 -7.15 -13.45
N PHE A 88 2.84 -6.40 -12.88
CA PHE A 88 2.21 -6.77 -11.58
C PHE A 88 3.28 -7.04 -10.53
N MET A 89 4.26 -6.14 -10.45
CA MET A 89 5.24 -6.20 -9.37
C MET A 89 4.48 -5.95 -8.06
N MET A 90 4.76 -6.80 -7.08
CA MET A 90 4.11 -6.77 -5.77
C MET A 90 5.09 -6.54 -4.63
N THR A 91 4.61 -5.86 -3.57
CA THR A 91 5.37 -5.87 -2.32
C THR A 91 5.23 -7.22 -1.63
N THR A 92 5.98 -7.40 -0.54
CA THR A 92 5.92 -8.62 0.26
C THR A 92 4.51 -8.88 0.84
N HIS A 93 3.68 -7.84 0.86
CA HIS A 93 2.32 -7.91 1.40
C HIS A 93 1.28 -7.99 0.30
N ASN A 94 1.76 -8.25 -0.92
CA ASN A 94 0.92 -8.31 -2.12
C ASN A 94 0.16 -7.04 -2.45
N MET A 95 0.75 -5.89 -2.12
CA MET A 95 0.28 -4.62 -2.57
C MET A 95 0.94 -4.36 -3.94
N PRO A 96 0.14 -3.98 -4.95
CA PRO A 96 0.77 -3.64 -6.23
C PRO A 96 1.73 -2.45 -6.09
N LEU A 97 2.93 -2.65 -6.57
CA LEU A 97 3.94 -1.64 -6.45
C LEU A 97 3.57 -0.34 -7.18
N ASN A 98 2.85 -0.46 -8.31
CA ASN A 98 2.53 0.73 -9.15
C ASN A 98 1.69 1.77 -8.43
N TYR A 99 0.79 1.30 -7.56
CA TYR A 99 -0.02 2.19 -6.71
C TYR A 99 0.87 3.02 -5.78
N LEU A 100 1.85 2.36 -5.15
CA LEU A 100 2.77 3.04 -4.27
C LEU A 100 3.62 4.07 -5.02
N ILE A 101 4.17 3.66 -6.15
CA ILE A 101 5.00 4.56 -6.96
C ILE A 101 4.20 5.71 -7.51
N ASP A 102 3.00 5.43 -8.03
CA ASP A 102 2.21 6.51 -8.59
C ASP A 102 1.83 7.55 -7.54
N GLN A 103 1.52 7.10 -6.32
CA GLN A 103 1.14 8.03 -5.27
C GLN A 103 2.36 8.80 -4.75
N LEU A 104 3.50 8.12 -4.63
CA LEU A 104 4.74 8.83 -4.32
C LEU A 104 5.03 9.92 -5.35
N LYS A 105 4.88 9.60 -6.64
CA LYS A 105 5.04 10.61 -7.69
C LYS A 105 4.18 11.86 -7.50
N GLU A 106 2.98 11.70 -6.97
CA GLU A 106 2.13 12.86 -6.68
C GLU A 106 2.67 13.70 -5.54
N ASP A 107 3.20 13.03 -4.53
CA ASP A 107 3.65 13.66 -3.28
C ASP A 107 5.05 14.24 -3.38
N ILE A 108 5.84 13.72 -4.31
CA ILE A 108 7.28 14.02 -4.37
C ILE A 108 7.68 14.65 -5.69
N GLY A 109 7.16 14.10 -6.77
CA GLY A 109 7.43 14.61 -8.08
C GLY A 109 8.24 13.56 -8.79
N GLU A 110 9.55 13.61 -8.58
CA GLU A 110 10.48 12.75 -9.31
C GLU A 110 10.77 11.51 -8.47
N VAL A 111 10.42 10.36 -9.03
CA VAL A 111 10.56 9.07 -8.36
C VAL A 111 11.20 8.12 -9.33
N ILE A 112 12.29 7.50 -8.88
CA ILE A 112 13.11 6.68 -9.75
C ILE A 112 13.15 5.30 -9.14
N PHE A 113 12.78 4.29 -9.92
CA PHE A 113 12.82 2.94 -9.37
C PHE A 113 13.95 2.16 -10.02
N LEU A 114 14.96 1.77 -9.24
CA LEU A 114 16.14 1.07 -9.73
C LEU A 114 16.13 -0.38 -9.25
N GLY A 115 16.17 -1.29 -10.21
CA GLY A 115 16.18 -2.70 -9.94
C GLY A 115 17.59 -3.26 -10.17
N ILE A 116 18.00 -4.17 -9.30
CA ILE A 116 19.24 -4.93 -9.46
C ILE A 116 18.85 -6.38 -9.54
N GLN A 117 19.33 -7.06 -10.59
CA GLN A 117 18.98 -8.48 -10.84
C GLN A 117 19.67 -9.40 -9.84
N PRO A 118 18.90 -10.10 -8.98
CA PRO A 118 19.61 -11.08 -8.10
C PRO A 118 19.89 -12.37 -8.83
N ASP A 119 20.82 -13.14 -8.27
CA ASP A 119 20.97 -14.53 -8.72
C ASP A 119 20.33 -15.50 -7.76
N ILE A 120 20.75 -15.48 -6.50
CA ILE A 120 20.25 -16.45 -5.52
C ILE A 120 19.58 -15.72 -4.35
N VAL A 121 18.41 -16.21 -3.99
CA VAL A 121 17.56 -15.59 -2.97
C VAL A 121 17.02 -16.71 -2.12
N GLY A 122 17.42 -16.71 -0.86
CA GLY A 122 17.11 -17.80 0.05
C GLY A 122 17.64 -17.46 1.43
N PHE A 123 17.02 -18.07 2.43
CA PHE A 123 17.35 -17.78 3.81
C PHE A 123 18.79 -18.13 4.18
N TYR A 124 19.52 -17.09 4.60
CA TYR A 124 20.94 -17.18 5.00
C TYR A 124 21.92 -17.49 3.86
N TYR A 125 21.50 -17.26 2.61
CA TYR A 125 22.42 -17.37 1.49
C TYR A 125 23.42 -16.22 1.52
N PRO A 126 24.60 -16.44 0.93
CA PRO A 126 25.50 -15.33 0.76
C PRO A 126 25.00 -14.46 -0.39
N MET A 127 25.59 -13.28 -0.50
CA MET A 127 25.43 -12.42 -1.68
C MET A 127 26.42 -12.87 -2.76
N THR A 128 26.01 -12.86 -4.01
CA THR A 128 26.91 -13.26 -5.09
C THR A 128 27.71 -12.08 -5.64
N GLN A 129 28.89 -12.36 -6.20
CA GLN A 129 29.80 -11.28 -6.60
C GLN A 129 29.18 -10.23 -7.56
N PRO A 130 28.43 -10.68 -8.60
CA PRO A 130 27.86 -9.67 -9.50
C PRO A 130 26.90 -8.69 -8.81
N ILE A 131 26.22 -9.14 -7.76
CA ILE A 131 25.31 -8.27 -7.01
C ILE A 131 26.12 -7.30 -6.10
N LYS A 132 27.17 -7.83 -5.43
CA LYS A 132 28.09 -6.90 -4.73
C LYS A 132 28.59 -5.80 -5.64
N ASP A 133 29.04 -6.19 -6.83
CA ASP A 133 29.53 -5.25 -7.85
C ASP A 133 28.47 -4.22 -8.27
N ALA A 134 27.23 -4.69 -8.42
CA ALA A 134 26.14 -3.82 -8.85
C ALA A 134 25.86 -2.79 -7.77
N VAL A 135 25.89 -3.23 -6.52
CA VAL A 135 25.67 -2.31 -5.39
C VAL A 135 26.77 -1.25 -5.37
N GLU A 136 28.02 -1.68 -5.59
CA GLU A 136 29.11 -0.71 -5.68
C GLU A 136 28.89 0.29 -6.82
N THR A 137 28.45 -0.22 -7.96
CA THR A 137 28.17 0.63 -9.12
C THR A 137 27.13 1.71 -8.81
N VAL A 138 26.02 1.33 -8.19
CA VAL A 138 24.99 2.29 -7.84
C VAL A 138 25.53 3.30 -6.80
N TYR A 139 26.24 2.79 -5.80
CA TYR A 139 26.84 3.61 -4.76
C TYR A 139 27.70 4.72 -5.34
N GLN A 140 28.49 4.36 -6.35
CA GLN A 140 29.44 5.31 -6.95
C GLN A 140 28.74 6.34 -7.83
N ARG A 141 27.46 6.15 -8.08
CA ARG A 141 26.73 7.12 -8.89
C ARG A 141 25.90 8.08 -8.07
N LEU A 142 25.75 7.80 -6.78
CA LEU A 142 24.94 8.62 -5.90
C LEU A 142 25.44 10.06 -5.78
N GLU A 143 26.75 10.23 -5.80
CA GLU A 143 27.31 11.58 -5.72
C GLU A 143 27.11 12.26 -7.07
N GLY A 144 26.43 13.39 -7.07
CA GLY A 144 26.18 14.09 -8.32
C GLY A 144 25.20 13.42 -9.27
N TRP A 145 24.41 12.47 -8.75
CA TRP A 145 23.36 11.81 -9.53
C TRP A 145 22.47 12.80 -10.29
N GLU A 146 22.27 12.55 -11.58
CA GLU A 146 21.38 13.36 -12.39
C GLU A 146 20.55 12.44 -13.24
N GLY A 147 19.28 12.81 -13.44
CA GLY A 147 18.38 11.99 -14.24
C GLY A 147 18.19 10.60 -13.68
N ASN A 148 18.51 9.58 -14.47
CA ASN A 148 18.44 8.20 -14.04
C ASN A 148 19.82 7.62 -13.71
N GLY A 149 20.76 8.52 -13.38
CA GLY A 149 22.13 8.15 -13.04
C GLY A 149 22.91 7.39 -14.11
N GLY A 150 22.50 7.54 -15.37
CA GLY A 150 23.14 6.87 -16.50
C GLY A 150 22.73 5.42 -16.72
N PHE A 151 21.77 4.95 -15.94
CA PHE A 151 21.31 3.57 -16.07
C PHE A 151 20.22 3.44 -17.14
N ALA A 152 20.22 2.29 -17.82
CA ALA A 152 19.27 2.00 -18.90
C ALA A 152 17.89 1.67 -18.35
N GLN A 153 16.86 1.95 -19.15
CA GLN A 153 15.50 1.53 -18.86
C GLN A 153 15.38 0.02 -19.08
N LEU A 154 14.64 -0.67 -18.21
CA LEU A 154 14.37 -2.09 -18.42
C LEU A 154 13.49 -2.23 -19.66
N ALA A 155 13.92 -3.09 -20.58
CA ALA A 155 13.14 -3.41 -21.76
C ALA A 155 12.27 -4.64 -21.52
N VAL A 156 10.96 -4.39 -21.35
CA VAL A 156 9.95 -5.41 -21.14
C VAL A 156 8.63 -5.01 -21.84
N ALA B 1 -18.81 -10.52 -21.18
CA ALA B 1 -18.86 -9.41 -20.17
C ALA B 1 -19.24 -9.88 -18.75
N SER B 2 -18.57 -9.33 -17.74
CA SER B 2 -18.93 -9.59 -16.34
C SER B 2 -20.19 -8.82 -15.91
N ALA B 3 -20.41 -7.66 -16.52
CA ALA B 3 -21.51 -6.76 -16.14
C ALA B 3 -21.33 -6.16 -14.73
N VAL B 4 -20.10 -6.16 -14.22
CA VAL B 4 -19.83 -5.65 -12.88
C VAL B 4 -19.95 -4.13 -12.86
N THR B 5 -20.53 -3.61 -11.79
CA THR B 5 -20.62 -2.17 -11.57
C THR B 5 -20.10 -1.86 -10.16
N ASP B 6 -20.82 -2.33 -9.15
CA ASP B 6 -20.52 -2.01 -7.78
C ASP B 6 -19.67 -3.09 -7.14
N VAL B 7 -18.69 -2.69 -6.34
CA VAL B 7 -17.89 -3.64 -5.55
C VAL B 7 -17.89 -3.17 -4.10
N LEU B 8 -18.00 -4.13 -3.19
CA LEU B 8 -18.01 -3.86 -1.75
C LEU B 8 -16.83 -4.60 -1.14
N LEU B 9 -15.90 -3.85 -0.57
CA LEU B 9 -14.71 -4.47 0.08
C LEU B 9 -14.97 -4.42 1.56
N CYS B 10 -15.03 -5.60 2.19
CA CYS B 10 -15.29 -5.66 3.64
C CYS B 10 -13.97 -5.95 4.32
N VAL B 11 -13.55 -5.07 5.23
CA VAL B 11 -12.28 -5.19 5.93
C VAL B 11 -12.49 -5.52 7.41
N GLY B 12 -11.68 -6.43 7.95
CA GLY B 12 -11.75 -6.73 9.37
C GLY B 12 -11.31 -8.12 9.73
N ASN B 13 -11.43 -8.45 11.00
CA ASN B 13 -10.94 -9.74 11.51
C ASN B 13 -11.97 -10.25 12.50
N SER B 14 -12.63 -11.37 12.18
CA SER B 14 -13.71 -11.90 13.03
C SER B 14 -13.16 -12.40 14.35
N MET B 15 -11.85 -12.63 14.40
CA MET B 15 -11.20 -13.05 15.64
C MET B 15 -10.76 -11.87 16.51
N MET B 16 -11.26 -10.66 16.19
CA MET B 16 -10.86 -9.47 16.94
C MET B 16 -12.07 -8.65 17.43
N GLY B 17 -13.10 -9.36 17.90
CA GLY B 17 -14.28 -8.72 18.52
C GLY B 17 -15.01 -7.81 17.54
N ASP B 18 -15.21 -6.55 17.93
CA ASP B 18 -15.94 -5.63 17.07
C ASP B 18 -15.21 -5.34 15.75
N ASP B 19 -13.92 -5.63 15.67
CA ASP B 19 -13.22 -5.55 14.36
C ASP B 19 -13.81 -6.52 13.32
N GLY B 20 -14.69 -7.42 13.77
CA GLY B 20 -15.38 -8.36 12.88
C GLY B 20 -16.52 -7.77 12.06
N ALA B 21 -16.72 -6.45 12.16
CA ALA B 21 -17.89 -5.84 11.53
C ALA B 21 -17.89 -6.10 10.02
N GLY B 22 -16.71 -5.94 9.42
CA GLY B 22 -16.60 -6.14 7.96
C GLY B 22 -16.91 -7.58 7.54
N PRO B 23 -16.19 -8.57 8.10
CA PRO B 23 -16.55 -9.98 7.86
C PRO B 23 -18.01 -10.32 8.14
N LEU B 24 -18.61 -9.71 9.15
CA LEU B 24 -20.05 -9.95 9.41
C LEU B 24 -20.91 -9.46 8.23
N LEU B 25 -20.62 -8.26 7.74
CA LEU B 25 -21.33 -7.77 6.56
C LEU B 25 -21.21 -8.71 5.36
N ALA B 26 -20.00 -9.19 5.12
CA ALA B 26 -19.74 -10.16 4.04
C ALA B 26 -20.56 -11.43 4.25
N GLU B 27 -20.66 -11.90 5.48
CA GLU B 27 -21.48 -13.07 5.79
C GLU B 27 -22.96 -12.86 5.47
N LYS B 28 -23.49 -11.68 5.85
CA LYS B 28 -24.88 -11.34 5.60
C LYS B 28 -25.16 -11.30 4.10
N CYS B 29 -24.27 -10.67 3.35
CA CYS B 29 -24.43 -10.57 1.91
C CYS B 29 -24.37 -11.93 1.22
N ALA B 30 -23.54 -12.82 1.74
CA ALA B 30 -23.39 -14.15 1.14
C ALA B 30 -24.69 -14.94 1.33
N ALA B 31 -25.32 -14.76 2.49
CA ALA B 31 -26.54 -15.47 2.84
C ALA B 31 -27.77 -14.90 2.14
N ALA B 32 -27.74 -13.59 1.91
CA ALA B 32 -28.88 -12.89 1.35
C ALA B 32 -28.38 -11.63 0.61
N PRO B 33 -27.99 -11.79 -0.65
CA PRO B 33 -27.46 -10.64 -1.41
C PRO B 33 -28.36 -9.42 -1.47
N LYS B 34 -27.72 -8.26 -1.40
CA LYS B 34 -28.41 -6.98 -1.54
C LYS B 34 -27.76 -6.16 -2.65
N GLY B 35 -28.59 -5.60 -3.52
CA GLY B 35 -28.08 -4.72 -4.57
C GLY B 35 -27.28 -5.48 -5.61
N ASN B 36 -26.40 -4.75 -6.31
CA ASN B 36 -25.62 -5.35 -7.39
C ASN B 36 -24.17 -5.58 -6.98
N TRP B 37 -23.90 -5.49 -5.68
CA TRP B 37 -22.51 -5.49 -5.19
C TRP B 37 -21.83 -6.85 -5.38
N VAL B 38 -20.62 -6.82 -5.92
CA VAL B 38 -19.68 -7.93 -5.78
C VAL B 38 -18.95 -7.72 -4.45
N VAL B 39 -19.05 -8.69 -3.54
CA VAL B 39 -18.59 -8.49 -2.17
C VAL B 39 -17.28 -9.23 -1.94
N ILE B 40 -16.23 -8.49 -1.61
CA ILE B 40 -14.91 -9.09 -1.32
C ILE B 40 -14.76 -9.18 0.20
N ASP B 41 -14.58 -10.40 0.70
CA ASP B 41 -14.32 -10.65 2.12
C ASP B 41 -12.83 -10.44 2.34
N GLY B 42 -12.43 -9.17 2.56
CA GLY B 42 -11.04 -8.75 2.50
C GLY B 42 -10.17 -9.16 3.68
N GLY B 43 -10.77 -9.52 4.82
CA GLY B 43 -9.95 -9.87 5.98
C GLY B 43 -9.17 -8.67 6.53
N SER B 44 -8.03 -8.99 7.14
CA SER B 44 -7.25 -8.06 7.93
C SER B 44 -6.63 -6.90 7.19
N ALA B 45 -6.19 -7.15 5.95
CA ALA B 45 -5.40 -6.17 5.19
C ALA B 45 -6.06 -5.96 3.85
N PRO B 46 -6.30 -4.69 3.46
CA PRO B 46 -6.79 -4.43 2.10
C PRO B 46 -5.73 -4.53 0.99
N GLU B 47 -4.44 -4.46 1.34
CA GLU B 47 -3.36 -4.45 0.32
C GLU B 47 -3.46 -5.56 -0.71
N ASN B 48 -3.73 -6.78 -0.25
CA ASN B 48 -3.74 -7.93 -1.14
C ASN B 48 -5.10 -8.13 -1.85
N ASP B 49 -6.00 -7.15 -1.71
CA ASP B 49 -7.32 -7.22 -2.34
C ASP B 49 -7.37 -6.28 -3.55
N ILE B 50 -6.34 -5.46 -3.67
CA ILE B 50 -6.33 -4.40 -4.70
C ILE B 50 -6.35 -4.94 -6.13
N VAL B 51 -5.51 -5.93 -6.40
CA VAL B 51 -5.41 -6.49 -7.76
C VAL B 51 -6.79 -6.99 -8.25
N ALA B 52 -7.52 -7.72 -7.41
CA ALA B 52 -8.85 -8.23 -7.77
C ALA B 52 -9.84 -7.11 -8.01
N ILE B 53 -9.83 -6.11 -7.13
CA ILE B 53 -10.75 -4.97 -7.28
C ILE B 53 -10.49 -4.27 -8.61
N ARG B 54 -9.23 -4.04 -8.95
CA ARG B 54 -8.93 -3.35 -10.23
C ARG B 54 -9.39 -4.16 -11.44
N GLU B 55 -9.20 -5.49 -11.36
CA GLU B 55 -9.58 -6.42 -12.42
C GLU B 55 -11.10 -6.52 -12.62
N LEU B 56 -11.85 -6.29 -11.54
CA LEU B 56 -13.32 -6.25 -11.58
C LEU B 56 -13.82 -5.03 -12.38
N ARG B 57 -12.95 -4.04 -12.55
CA ARG B 57 -13.28 -2.79 -13.27
C ARG B 57 -14.60 -2.16 -12.79
N PRO B 58 -14.72 -1.93 -11.47
CA PRO B 58 -15.95 -1.35 -10.97
C PRO B 58 -16.10 0.11 -11.35
N THR B 59 -17.35 0.56 -11.31
CA THR B 59 -17.72 1.95 -11.45
C THR B 59 -17.82 2.62 -10.07
N ARG B 60 -18.08 1.80 -9.05
CA ARG B 60 -18.23 2.31 -7.70
C ARG B 60 -17.70 1.29 -6.72
N LEU B 61 -16.91 1.76 -5.75
CA LEU B 61 -16.34 0.91 -4.73
C LEU B 61 -16.71 1.46 -3.34
N LEU B 62 -17.32 0.59 -2.51
CA LEU B 62 -17.65 0.89 -1.12
C LEU B 62 -16.73 0.04 -0.24
N ILE B 63 -16.10 0.67 0.72
CA ILE B 63 -15.23 -0.03 1.67
C ILE B 63 -15.84 0.13 3.03
N VAL B 64 -16.02 -0.99 3.74
CA VAL B 64 -16.61 -0.97 5.07
C VAL B 64 -15.62 -1.59 6.06
N ASP B 65 -15.35 -0.86 7.13
CA ASP B 65 -14.32 -1.28 8.09
C ASP B 65 -14.67 -0.74 9.46
N ALA B 66 -14.51 -1.55 10.50
CA ALA B 66 -14.57 -1.07 11.85
C ALA B 66 -13.34 -0.16 12.05
N THR B 67 -13.55 1.05 12.57
CA THR B 67 -12.53 2.07 12.60
C THR B 67 -12.76 2.93 13.85
N ASP B 68 -11.73 3.15 14.68
CA ASP B 68 -11.92 4.04 15.84
C ASP B 68 -11.96 5.48 15.33
N MET B 69 -13.05 6.16 15.60
CA MET B 69 -13.31 7.53 15.15
C MET B 69 -13.58 8.43 16.34
N GLY B 70 -13.49 7.86 17.53
CA GLY B 70 -13.76 8.60 18.79
C GLY B 70 -15.23 8.83 19.07
N LEU B 71 -16.11 8.03 18.47
CA LEU B 71 -17.57 8.14 18.60
C LEU B 71 -18.17 7.10 19.55
N ASN B 72 -19.49 7.16 19.77
CA ASN B 72 -20.12 6.05 20.50
C ASN B 72 -20.08 4.76 19.69
N PRO B 73 -19.97 3.61 20.37
CA PRO B 73 -19.99 2.31 19.69
C PRO B 73 -21.19 2.19 18.72
N GLY B 74 -20.91 1.75 17.49
CA GLY B 74 -21.97 1.49 16.52
C GLY B 74 -22.29 2.68 15.61
N GLU B 75 -21.74 3.86 15.94
CA GLU B 75 -21.91 5.00 15.04
C GLU B 75 -21.25 4.66 13.68
N ILE B 76 -21.91 5.12 12.62
CA ILE B 76 -21.48 4.86 11.23
C ILE B 76 -21.19 6.21 10.59
N ARG B 77 -20.01 6.37 9.94
CA ARG B 77 -19.73 7.62 9.22
C ARG B 77 -18.98 7.35 7.95
N ILE B 78 -19.17 8.22 6.95
CA ILE B 78 -18.33 8.22 5.79
C ILE B 78 -17.13 9.12 6.07
N ILE B 79 -15.94 8.60 5.81
CA ILE B 79 -14.71 9.36 6.03
C ILE B 79 -14.16 9.88 4.73
N ASP B 80 -14.09 11.20 4.63
CA ASP B 80 -13.57 11.86 3.44
C ASP B 80 -12.10 11.47 3.21
N PRO B 81 -11.72 11.19 1.95
CA PRO B 81 -10.34 10.75 1.70
C PRO B 81 -9.27 11.73 2.19
N ASP B 82 -9.57 13.03 2.21
CA ASP B 82 -8.68 14.03 2.78
C ASP B 82 -8.47 13.83 4.27
N ASP B 83 -9.52 13.41 4.97
CA ASP B 83 -9.50 13.18 6.41
C ASP B 83 -8.81 11.86 6.71
N ILE B 84 -9.03 10.87 5.86
CA ILE B 84 -8.18 9.66 5.91
C ILE B 84 -6.69 9.97 5.92
N ALA B 85 -6.24 10.86 5.03
CA ALA B 85 -4.83 11.27 4.99
C ALA B 85 -4.38 12.04 6.25
N GLU B 86 -5.19 13.03 6.64
CA GLU B 86 -4.90 13.90 7.78
C GLU B 86 -4.86 13.20 9.12
N MET B 87 -5.67 12.15 9.24
CA MET B 87 -5.80 11.37 10.43
C MET B 87 -4.64 10.34 10.60
N PHE B 88 -3.85 10.15 9.56
CA PHE B 88 -2.82 9.08 9.49
C PHE B 88 -3.42 7.70 9.78
N MET B 89 -4.59 7.43 9.21
CA MET B 89 -5.16 6.08 9.28
C MET B 89 -4.22 5.11 8.56
N MET B 90 -3.91 4.00 9.24
CA MET B 90 -2.96 2.99 8.72
C MET B 90 -3.60 1.62 8.50
N THR B 91 -3.08 0.88 7.53
CA THR B 91 -3.45 -0.54 7.43
C THR B 91 -2.68 -1.31 8.51
N THR B 92 -2.98 -2.61 8.63
CA THR B 92 -2.28 -3.48 9.58
C THR B 92 -0.78 -3.56 9.27
N HIS B 93 -0.38 -3.15 8.07
CA HIS B 93 1.03 -3.23 7.64
C HIS B 93 1.71 -1.88 7.75
N ASN B 94 1.02 -0.94 8.39
CA ASN B 94 1.46 0.44 8.50
C ASN B 94 1.65 1.17 7.18
N MET B 95 0.86 0.79 6.19
CA MET B 95 0.71 1.59 4.98
C MET B 95 -0.34 2.68 5.24
N PRO B 96 -0.05 3.93 4.86
CA PRO B 96 -1.10 4.94 5.04
C PRO B 96 -2.32 4.65 4.14
N LEU B 97 -3.49 4.60 4.76
CA LEU B 97 -4.66 4.19 4.01
C LEU B 97 -5.00 5.13 2.83
N ASN B 98 -4.67 6.40 2.96
CA ASN B 98 -4.97 7.37 1.90
C ASN B 98 -4.29 7.00 0.60
N TYR B 99 -3.12 6.34 0.69
CA TYR B 99 -2.40 5.91 -0.51
C TYR B 99 -3.27 4.97 -1.35
N LEU B 100 -3.85 3.98 -0.71
CA LEU B 100 -4.72 3.02 -1.38
C LEU B 100 -5.99 3.67 -1.88
N ILE B 101 -6.63 4.48 -1.04
CA ILE B 101 -7.91 5.11 -1.41
C ILE B 101 -7.75 6.08 -2.58
N ASP B 102 -6.72 6.94 -2.48
CA ASP B 102 -6.50 7.95 -3.51
C ASP B 102 -6.20 7.30 -4.88
N GLN B 103 -5.43 6.22 -4.87
CA GLN B 103 -5.12 5.48 -6.11
C GLN B 103 -6.31 4.72 -6.65
N LEU B 104 -7.09 4.13 -5.75
CA LEU B 104 -8.33 3.49 -6.21
C LEU B 104 -9.25 4.52 -6.86
N LYS B 105 -9.32 5.71 -6.28
CA LYS B 105 -10.20 6.77 -6.81
C LYS B 105 -9.82 7.20 -8.21
N GLU B 106 -8.55 7.06 -8.54
CA GLU B 106 -8.09 7.38 -9.89
C GLU B 106 -8.55 6.34 -10.91
N ASP B 107 -8.73 5.11 -10.45
CA ASP B 107 -9.07 3.99 -11.33
C ASP B 107 -10.56 3.66 -11.35
N ILE B 108 -11.30 4.14 -10.36
CA ILE B 108 -12.70 3.74 -10.19
C ILE B 108 -13.66 4.90 -10.28
N GLY B 109 -13.38 5.99 -9.57
CA GLY B 109 -14.15 7.20 -9.85
C GLY B 109 -15.37 7.43 -8.97
N GLU B 110 -15.89 6.40 -8.31
CA GLU B 110 -16.54 6.65 -7.03
C GLU B 110 -16.05 5.63 -6.01
N VAL B 111 -15.37 6.14 -4.99
CA VAL B 111 -14.86 5.34 -3.87
C VAL B 111 -15.41 5.93 -2.57
N ILE B 112 -16.05 5.09 -1.76
CA ILE B 112 -16.70 5.54 -0.53
C ILE B 112 -16.07 4.74 0.59
N PHE B 113 -15.57 5.39 1.62
CA PHE B 113 -15.02 4.69 2.78
C PHE B 113 -15.97 4.88 3.93
N LEU B 114 -16.54 3.78 4.41
CA LEU B 114 -17.47 3.78 5.53
C LEU B 114 -16.90 3.12 6.80
N GLY B 115 -16.87 3.88 7.88
CA GLY B 115 -16.33 3.41 9.16
C GLY B 115 -17.49 3.11 10.09
N ILE B 116 -17.30 2.09 10.90
CA ILE B 116 -18.23 1.77 11.96
C ILE B 116 -17.40 1.78 13.23
N GLN B 117 -17.88 2.51 14.25
CA GLN B 117 -17.16 2.59 15.52
C GLN B 117 -17.22 1.31 16.33
N PRO B 118 -16.05 0.68 16.59
CA PRO B 118 -16.06 -0.45 17.50
C PRO B 118 -16.06 -0.01 18.95
N ASP B 119 -16.42 -0.96 19.80
CA ASP B 119 -16.27 -0.79 21.23
C ASP B 119 -15.11 -1.57 21.73
N ILE B 120 -15.19 -2.88 21.59
CA ILE B 120 -14.13 -3.76 22.10
C ILE B 120 -13.45 -4.45 20.94
N VAL B 121 -12.12 -4.42 20.98
CA VAL B 121 -11.31 -5.06 19.94
C VAL B 121 -10.21 -5.81 20.62
N GLY B 122 -10.21 -7.13 20.44
CA GLY B 122 -9.26 -7.99 21.11
C GLY B 122 -9.50 -9.42 20.69
N PHE B 123 -8.44 -10.22 20.85
CA PHE B 123 -8.43 -11.59 20.36
C PHE B 123 -9.50 -12.45 21.01
N TYR B 124 -10.36 -13.01 20.17
CA TYR B 124 -11.46 -13.88 20.62
C TYR B 124 -12.58 -13.17 21.43
N TYR B 125 -12.61 -11.84 21.39
CA TYR B 125 -13.73 -11.11 22.00
C TYR B 125 -15.00 -11.34 21.18
N PRO B 126 -16.18 -11.24 21.85
CA PRO B 126 -17.45 -11.28 21.13
C PRO B 126 -17.66 -9.93 20.44
N MET B 127 -18.57 -9.86 19.50
CA MET B 127 -19.03 -8.58 18.94
C MET B 127 -20.09 -7.99 19.86
N THR B 128 -20.09 -6.67 20.04
CA THR B 128 -21.11 -6.05 20.89
C THR B 128 -22.36 -5.66 20.09
N GLN B 129 -23.48 -5.56 20.79
CA GLN B 129 -24.77 -5.33 20.11
C GLN B 129 -24.81 -4.09 19.20
N PRO B 130 -24.30 -2.93 19.65
CA PRO B 130 -24.32 -1.74 18.78
C PRO B 130 -23.61 -1.94 17.45
N ILE B 131 -22.59 -2.79 17.44
CA ILE B 131 -21.87 -3.04 16.20
C ILE B 131 -22.68 -4.00 15.32
N LYS B 132 -23.34 -4.97 15.93
CA LYS B 132 -24.20 -5.90 15.18
C LYS B 132 -25.30 -5.14 14.51
N ASP B 133 -25.93 -4.23 15.27
CA ASP B 133 -26.96 -3.31 14.75
C ASP B 133 -26.45 -2.42 13.61
N ALA B 134 -25.22 -1.90 13.73
CA ALA B 134 -24.65 -1.00 12.71
C ALA B 134 -24.46 -1.81 11.44
N VAL B 135 -24.00 -3.07 11.60
CA VAL B 135 -23.77 -3.92 10.41
C VAL B 135 -25.09 -4.20 9.68
N GLU B 136 -26.13 -4.49 10.45
CA GLU B 136 -27.49 -4.57 9.87
C GLU B 136 -27.93 -3.27 9.18
N THR B 137 -27.65 -2.12 9.79
CA THR B 137 -28.04 -0.85 9.20
C THR B 137 -27.40 -0.65 7.81
N VAL B 138 -26.10 -0.92 7.71
CA VAL B 138 -25.37 -0.76 6.48
C VAL B 138 -25.90 -1.76 5.45
N TYR B 139 -26.14 -2.98 5.90
CA TYR B 139 -26.60 -4.06 5.03
C TYR B 139 -27.92 -3.69 4.37
N GLN B 140 -28.81 -3.08 5.15
CA GLN B 140 -30.13 -2.69 4.68
C GLN B 140 -30.09 -1.48 3.76
N ARG B 141 -28.95 -0.82 3.68
CA ARG B 141 -28.87 0.31 2.75
C ARG B 141 -28.21 -0.08 1.45
N LEU B 142 -27.67 -1.30 1.37
CA LEU B 142 -26.94 -1.73 0.15
C LEU B 142 -27.84 -1.76 -1.09
N GLU B 143 -29.08 -2.19 -0.91
CA GLU B 143 -29.97 -2.24 -2.05
C GLU B 143 -30.41 -0.82 -2.41
N GLY B 144 -30.19 -0.42 -3.65
CA GLY B 144 -30.55 0.93 -4.06
C GLY B 144 -29.69 2.05 -3.49
N TRP B 145 -28.54 1.70 -2.89
CA TRP B 145 -27.55 2.68 -2.43
C TRP B 145 -27.31 3.80 -3.43
N GLU B 146 -27.39 5.04 -2.96
CA GLU B 146 -27.11 6.20 -3.80
C GLU B 146 -26.32 7.16 -2.96
N GLY B 147 -25.36 7.83 -3.60
CA GLY B 147 -24.49 8.78 -2.91
C GLY B 147 -23.69 8.15 -1.79
N ASN B 148 -23.86 8.68 -0.57
CA ASN B 148 -23.25 8.12 0.64
C ASN B 148 -24.18 7.26 1.47
N GLY B 149 -25.22 6.75 0.80
CA GLY B 149 -26.19 5.84 1.40
C GLY B 149 -27.00 6.45 2.53
N GLY B 150 -26.99 7.79 2.61
CA GLY B 150 -27.68 8.53 3.66
C GLY B 150 -26.91 8.66 4.97
N PHE B 151 -25.66 8.22 4.98
CA PHE B 151 -24.84 8.35 6.18
C PHE B 151 -24.12 9.69 6.27
N ALA B 152 -23.86 10.12 7.50
CA ALA B 152 -23.17 11.39 7.76
C ALA B 152 -21.67 11.29 7.55
N GLN B 153 -21.06 12.39 7.14
CA GLN B 153 -19.61 12.52 7.06
C GLN B 153 -19.03 12.61 8.46
N LEU B 154 -17.93 11.89 8.74
CA LEU B 154 -17.17 12.06 9.98
C LEU B 154 -16.68 13.48 10.04
N ALA B 155 -16.92 14.12 11.18
CA ALA B 155 -16.37 15.45 11.44
C ALA B 155 -15.00 15.38 12.08
N VAL B 156 -13.98 15.70 11.30
CA VAL B 156 -12.59 15.80 11.81
C VAL B 156 -12.03 17.18 11.49
N GLU B 157 -11.55 17.86 12.52
CA GLU B 157 -11.14 19.26 12.43
C GLU B 157 -9.63 19.44 12.59
CA CA C . 10.05 -0.95 5.70
CA CA D . 19.39 -17.16 -10.53
CA CA E . -7.08 -8.87 2.25
CA CA F . -10.74 -2.65 11.16
CA CA G . -2.82 6.27 -10.27
CA CA H . -35.46 -5.80 -2.02
#